data_3CH5
#
_entry.id   3CH5
#
_cell.length_a   69.700
_cell.length_b   75.350
_cell.length_c   123.050
_cell.angle_alpha   90.00
_cell.angle_beta   90.00
_cell.angle_gamma   90.00
#
_symmetry.space_group_name_H-M   'I 2 2 2'
#
loop_
_entity.id
_entity.type
_entity.pdbx_description
1 polymer 'GTP-binding nuclear protein Ran'
2 polymer 'Fragment of Nuclear pore complex protein Nup153'
3 non-polymer 'MAGNESIUM ION'
4 non-polymer 'SULFATE ION'
5 non-polymer "GUANOSINE-5'-DIPHOSPHATE"
6 non-polymer 'ZINC ION'
7 water water
#
loop_
_entity_poly.entity_id
_entity_poly.type
_entity_poly.pdbx_seq_one_letter_code
_entity_poly.pdbx_strand_id
1 'polypeptide(L)'
;MAAQGEPQVQFKLVLVGDGGTGKTTFVKRHLTGEFEKKYVATLGVEVHPLVFHTNRGPIKFNVWDTAGQEKFGGLRDGYY
IQAQCAIIMFDVTSRVTYKNVPNWHRDLVRVCENIPIVLCGNKVDIKDRKVKAKSIVFHRKKNLQYYDISAKSNYNFEKP
FLWLARKLIGDPNLEFVAMPALAPPEVVMDPALAAQYEHDLEVAQTTALPDEDDDL
;
A
2 'polypeptide(L)' SDKPASTSGTGFGDKFKPAIGTWDCDTCLVQNKPEAVKCVACETPKPGTGVK B
#
# COMPACT_ATOMS: atom_id res chain seq x y z
N PRO A 7 1.15 -5.35 20.47
CA PRO A 7 0.81 -3.97 20.82
C PRO A 7 0.37 -3.01 19.68
N GLN A 8 0.45 -3.40 18.40
CA GLN A 8 0.86 -4.76 17.96
C GLN A 8 1.97 -4.66 16.89
N VAL A 9 2.07 -5.67 16.02
CA VAL A 9 2.95 -5.59 14.84
C VAL A 9 2.22 -4.88 13.66
N GLN A 10 2.48 -3.58 13.57
CA GLN A 10 1.65 -2.61 12.84
C GLN A 10 2.55 -1.65 12.06
N PHE A 11 2.21 -1.39 10.80
CA PHE A 11 3.04 -0.55 9.96
C PHE A 11 2.17 0.40 9.19
N LYS A 12 2.53 1.68 9.21
CA LYS A 12 1.86 2.67 8.36
C LYS A 12 2.32 2.48 6.92
N LEU A 13 1.38 2.27 6.03
CA LEU A 13 1.68 2.17 4.62
C LEU A 13 0.98 3.31 3.86
N VAL A 14 1.77 4.12 3.15
CA VAL A 14 1.23 5.20 2.31
C VAL A 14 1.00 4.71 0.86
N LEU A 15 -0.21 4.89 0.36
CA LEU A 15 -0.60 4.46 -0.96
C LEU A 15 -0.71 5.73 -1.81
N VAL A 16 0.19 5.91 -2.78
CA VAL A 16 0.29 7.16 -3.53
C VAL A 16 0.30 6.88 -5.04
N GLY A 17 0.23 7.91 -5.86
CA GLY A 17 0.10 7.72 -7.31
C GLY A 17 -1.03 8.59 -7.82
N ASP A 18 -1.03 8.88 -9.12
CA ASP A 18 -1.96 9.84 -9.71
C ASP A 18 -3.43 9.55 -9.39
N GLY A 19 -4.27 10.57 -9.38
CA GLY A 19 -5.71 10.32 -9.23
C GLY A 19 -6.21 9.48 -10.41
N GLY A 20 -7.16 8.57 -10.12
CA GLY A 20 -7.75 7.75 -11.15
C GLY A 20 -6.97 6.48 -11.48
N THR A 21 -5.93 6.15 -10.71
CA THR A 21 -5.10 4.97 -11.00
C THR A 21 -5.67 3.72 -10.33
N GLY A 22 -6.58 3.93 -9.39
CA GLY A 22 -7.28 2.84 -8.76
C GLY A 22 -6.93 2.61 -7.31
N LYS A 23 -6.35 3.63 -6.67
CA LYS A 23 -5.84 3.50 -5.31
C LYS A 23 -6.96 3.16 -4.33
N THR A 24 -8.05 3.92 -4.35
CA THR A 24 -9.18 3.70 -3.44
C THR A 24 -9.81 2.33 -3.73
N THR A 25 -9.98 2.02 -5.00
CA THR A 25 -10.56 0.74 -5.43
C THR A 25 -9.78 -0.44 -4.87
N PHE A 26 -8.46 -0.29 -4.89
CA PHE A 26 -7.53 -1.31 -4.45
C PHE A 26 -7.57 -1.52 -2.96
N VAL A 27 -7.54 -0.43 -2.19
CA VAL A 27 -7.49 -0.59 -0.73
C VAL A 27 -8.82 -1.15 -0.20
N LYS A 28 -9.91 -0.85 -0.92
CA LYS A 28 -11.25 -1.35 -0.55
C LYS A 28 -11.54 -2.83 -0.87
N ARG A 29 -10.62 -3.51 -1.53
CA ARG A 29 -10.77 -4.95 -1.75
C ARG A 29 -10.70 -5.68 -0.41
N HIS A 30 -9.89 -5.18 0.52
CA HIS A 30 -9.84 -5.77 1.86
C HIS A 30 -11.12 -5.38 2.65
N LEU A 31 -12.05 -6.33 2.79
CA LEU A 31 -13.39 -5.98 3.31
C LEU A 31 -13.41 -5.53 4.78
N THR A 32 -12.67 -6.21 5.65
CA THR A 32 -12.59 -5.77 7.05
C THR A 32 -11.90 -4.39 7.23
N GLY A 33 -10.85 -4.15 6.46
CA GLY A 33 -10.14 -2.86 6.53
C GLY A 33 -11.03 -1.71 6.11
N GLU A 34 -11.94 -1.97 5.18
CA GLU A 34 -12.97 -1.02 4.77
C GLU A 34 -14.02 -0.79 5.85
N PHE A 35 -14.52 -1.86 6.47
CA PHE A 35 -15.45 -1.75 7.58
C PHE A 35 -14.86 -0.96 8.79
N GLU A 36 -13.56 -1.07 8.96
N GLU A 36 -13.57 -1.12 9.03
CA GLU A 36 -12.87 -0.53 10.13
CA GLU A 36 -12.94 -0.48 10.19
C GLU A 36 -12.05 0.73 9.83
C GLU A 36 -12.02 0.71 9.82
N LYS A 37 -12.24 1.29 8.63
CA LYS A 37 -11.46 2.48 8.21
C LYS A 37 -11.72 3.67 9.14
N LYS A 38 -10.69 4.49 9.32
CA LYS A 38 -10.79 5.64 10.22
C LYS A 38 -10.60 6.87 9.37
N TYR A 39 -11.50 7.82 9.50
CA TYR A 39 -11.41 9.03 8.71
C TYR A 39 -10.61 10.08 9.49
N VAL A 40 -9.58 10.62 8.85
CA VAL A 40 -8.72 11.58 9.51
C VAL A 40 -9.05 12.95 8.95
N ALA A 41 -9.96 13.64 9.66
CA ALA A 41 -10.54 14.89 9.18
C ALA A 41 -9.50 15.96 8.83
N THR A 42 -8.53 16.15 9.73
CA THR A 42 -7.53 17.22 9.56
C THR A 42 -6.60 17.01 8.34
N LEU A 43 -6.48 15.77 7.85
CA LEU A 43 -5.54 15.45 6.77
C LEU A 43 -6.17 15.00 5.44
N GLY A 44 -7.49 14.82 5.41
CA GLY A 44 -8.17 14.27 4.23
C GLY A 44 -7.67 12.87 3.90
N VAL A 45 -7.80 11.96 4.85
CA VAL A 45 -7.27 10.61 4.69
C VAL A 45 -8.27 9.62 5.29
N GLU A 46 -8.38 8.45 4.68
CA GLU A 46 -9.00 7.34 5.35
C GLU A 46 -7.89 6.34 5.57
N VAL A 47 -7.71 5.91 6.82
CA VAL A 47 -6.75 4.87 7.17
C VAL A 47 -7.44 3.53 7.25
N HIS A 48 -6.99 2.59 6.44
CA HIS A 48 -7.60 1.26 6.38
C HIS A 48 -6.68 0.26 7.08
N PRO A 49 -7.11 -0.30 8.20
CA PRO A 49 -6.29 -1.26 8.94
C PRO A 49 -6.38 -2.67 8.31
N LEU A 50 -5.37 -3.05 7.53
CA LEU A 50 -5.42 -4.28 6.77
C LEU A 50 -4.61 -5.32 7.52
N VAL A 51 -5.29 -6.32 8.04
CA VAL A 51 -4.61 -7.39 8.75
C VAL A 51 -4.35 -8.52 7.77
N PHE A 52 -3.13 -9.07 7.80
CA PHE A 52 -2.74 -10.24 7.01
C PHE A 52 -2.19 -11.27 7.96
N HIS A 53 -2.21 -12.53 7.53
CA HIS A 53 -1.90 -13.62 8.43
C HIS A 53 -0.80 -14.47 7.84
N THR A 54 0.38 -14.38 8.46
CA THR A 54 1.58 -15.02 7.96
C THR A 54 1.79 -16.31 8.71
N ASN A 55 2.71 -17.12 8.21
CA ASN A 55 3.15 -18.31 8.91
C ASN A 55 3.75 -18.03 10.29
N ARG A 56 4.08 -16.76 10.55
CA ARG A 56 4.62 -16.38 11.86
C ARG A 56 3.67 -15.46 12.61
N GLY A 57 2.44 -15.32 12.12
CA GLY A 57 1.44 -14.56 12.85
C GLY A 57 0.94 -13.35 12.09
N PRO A 58 0.03 -12.61 12.75
CA PRO A 58 -0.63 -11.50 12.08
C PRO A 58 0.32 -10.36 11.83
N ILE A 59 0.10 -9.65 10.72
CA ILE A 59 0.76 -8.40 10.44
C ILE A 59 -0.32 -7.38 10.06
N LYS A 60 -0.21 -6.16 10.55
CA LYS A 60 -1.19 -5.10 10.23
C LYS A 60 -0.54 -3.96 9.46
N PHE A 61 -1.09 -3.67 8.28
CA PHE A 61 -0.66 -2.52 7.51
C PHE A 61 -1.76 -1.49 7.65
N ASN A 62 -1.44 -0.31 8.19
CA ASN A 62 -2.45 0.76 8.24
C ASN A 62 -2.24 1.57 6.99
N VAL A 63 -3.13 1.37 6.02
CA VAL A 63 -2.97 1.95 4.70
C VAL A 63 -3.64 3.32 4.60
N TRP A 64 -2.85 4.34 4.29
CA TRP A 64 -3.37 5.71 4.16
C TRP A 64 -3.81 6.00 2.74
N ASP A 65 -5.10 6.20 2.56
CA ASP A 65 -5.65 6.48 1.24
C ASP A 65 -6.12 7.91 1.20
N THR A 66 -5.78 8.61 0.12
CA THR A 66 -6.20 10.00 -0.01
C THR A 66 -7.71 10.08 -0.21
N ALA A 67 -8.26 11.27 -0.02
CA ALA A 67 -9.65 11.59 -0.36
C ALA A 67 -9.66 12.37 -1.67
N GLY A 68 -8.67 12.11 -2.54
CA GLY A 68 -8.65 12.64 -3.88
C GLY A 68 -7.88 13.93 -4.11
N GLN A 69 -7.22 14.46 -3.07
CA GLN A 69 -6.57 15.76 -3.20
C GLN A 69 -5.32 15.73 -4.08
N GLU A 70 -4.76 14.54 -4.34
CA GLU A 70 -3.65 14.42 -5.29
C GLU A 70 -4.03 14.85 -6.72
N LYS A 71 -5.32 14.96 -6.99
CA LYS A 71 -5.76 15.49 -8.26
C LYS A 71 -5.52 16.99 -8.36
N PHE A 72 -5.58 17.69 -7.22
CA PHE A 72 -5.57 19.15 -7.20
C PHE A 72 -4.27 19.75 -6.68
N GLY A 73 -3.52 18.99 -5.90
CA GLY A 73 -2.26 19.49 -5.37
C GLY A 73 -1.44 18.41 -4.72
N GLY A 74 -0.38 18.81 -4.03
CA GLY A 74 0.45 17.84 -3.30
C GLY A 74 -0.13 17.48 -1.94
N LEU A 75 0.25 16.30 -1.46
CA LEU A 75 -0.20 15.80 -0.17
C LEU A 75 0.52 16.52 0.96
N ARG A 76 -0.19 16.73 2.07
CA ARG A 76 0.43 17.35 3.27
C ARG A 76 1.60 16.50 3.76
N ASP A 77 2.55 17.12 4.47
CA ASP A 77 3.58 16.36 5.21
C ASP A 77 2.97 15.33 6.17
N GLY A 78 1.92 15.73 6.91
CA GLY A 78 1.27 14.85 7.87
C GLY A 78 0.88 13.52 7.26
N TYR A 79 0.56 13.54 5.96
CA TYR A 79 0.25 12.33 5.21
C TYR A 79 1.41 11.31 5.23
N TYR A 80 2.63 11.82 5.11
CA TYR A 80 3.84 11.00 5.07
C TYR A 80 4.49 10.71 6.42
N ILE A 81 4.08 11.39 7.48
CA ILE A 81 4.78 11.24 8.75
C ILE A 81 4.66 9.80 9.30
N GLN A 82 5.83 9.24 9.63
N GLN A 82 5.80 9.22 9.69
CA GLN A 82 6.00 7.90 10.19
CA GLN A 82 5.89 7.84 10.25
C GLN A 82 5.55 6.76 9.27
C GLN A 82 5.56 6.72 9.25
N ALA A 83 5.54 7.04 7.96
CA ALA A 83 5.28 6.01 6.96
C ALA A 83 6.44 5.04 7.00
N GLN A 84 6.15 3.76 7.05
CA GLN A 84 7.21 2.78 7.17
C GLN A 84 7.36 1.94 5.92
N CYS A 85 6.40 2.07 5.00
CA CYS A 85 6.48 1.46 3.70
C CYS A 85 5.49 2.18 2.77
N ALA A 86 5.54 1.87 1.48
CA ALA A 86 4.72 2.55 0.50
C ALA A 86 4.42 1.67 -0.68
N ILE A 87 3.25 1.93 -1.28
CA ILE A 87 2.92 1.46 -2.61
C ILE A 87 2.70 2.68 -3.47
N ILE A 88 3.38 2.74 -4.61
CA ILE A 88 3.12 3.73 -5.67
C ILE A 88 2.31 3.01 -6.74
N MET A 89 1.18 3.59 -7.11
CA MET A 89 0.30 2.98 -8.11
C MET A 89 0.36 3.75 -9.39
N PHE A 90 0.13 3.04 -10.49
CA PHE A 90 -0.12 3.69 -11.76
C PHE A 90 -1.16 2.93 -12.57
N ASP A 91 -1.58 3.53 -13.67
CA ASP A 91 -2.62 2.95 -14.47
C ASP A 91 -1.97 2.52 -15.78
N VAL A 92 -2.04 1.22 -16.03
CA VAL A 92 -1.38 0.55 -17.14
C VAL A 92 -1.96 0.99 -18.51
N THR A 93 -3.09 1.69 -18.48
CA THR A 93 -3.79 2.20 -19.67
C THR A 93 -3.61 3.72 -19.84
N SER A 94 -2.84 4.34 -18.96
CA SER A 94 -2.61 5.77 -19.01
C SER A 94 -1.14 6.05 -18.80
N ARG A 95 -0.46 6.46 -19.87
CA ARG A 95 0.98 6.61 -19.84
C ARG A 95 1.48 7.71 -18.91
N VAL A 96 0.75 8.83 -18.87
CA VAL A 96 1.09 9.93 -17.95
C VAL A 96 1.24 9.43 -16.50
N THR A 97 0.41 8.49 -16.07
CA THR A 97 0.46 8.05 -14.70
C THR A 97 1.75 7.29 -14.42
N TYR A 98 2.22 6.55 -15.42
CA TYR A 98 3.48 5.85 -15.32
C TYR A 98 4.66 6.82 -15.37
N LYS A 99 4.54 7.87 -16.15
CA LYS A 99 5.62 8.83 -16.26
C LYS A 99 5.83 9.65 -14.99
N ASN A 100 4.82 9.66 -14.12
CA ASN A 100 4.91 10.41 -12.88
C ASN A 100 5.49 9.56 -11.74
N VAL A 101 5.58 8.26 -11.96
CA VAL A 101 6.07 7.35 -10.94
C VAL A 101 7.42 7.79 -10.32
N PRO A 102 8.43 8.18 -11.15
CA PRO A 102 9.66 8.70 -10.57
C PRO A 102 9.45 9.96 -9.72
N ASN A 103 8.42 10.75 -9.99
CA ASN A 103 8.14 11.94 -9.16
C ASN A 103 7.45 11.55 -7.85
N TRP A 104 6.62 10.52 -7.88
CA TRP A 104 6.07 9.97 -6.64
C TRP A 104 7.20 9.32 -5.85
N HIS A 105 8.09 8.63 -6.56
CA HIS A 105 9.20 7.94 -5.94
C HIS A 105 10.16 8.92 -5.22
N ARG A 106 10.56 9.98 -5.91
N ARG A 106 10.50 10.01 -5.91
CA ARG A 106 11.40 11.03 -5.32
CA ARG A 106 11.39 11.08 -5.40
C ARG A 106 10.69 11.72 -4.14
C ARG A 106 10.74 12.06 -4.40
N ASP A 107 9.41 12.02 -4.32
CA ASP A 107 8.64 12.76 -3.31
C ASP A 107 8.63 11.98 -1.99
N LEU A 108 8.54 10.66 -2.10
CA LEU A 108 8.55 9.72 -0.99
C LEU A 108 9.92 9.68 -0.31
N VAL A 109 10.94 9.44 -1.14
CA VAL A 109 12.34 9.48 -0.74
C VAL A 109 12.72 10.76 0.03
N ARG A 110 12.40 11.93 -0.54
CA ARG A 110 12.69 13.22 0.08
C ARG A 110 12.21 13.27 1.53
N VAL A 111 11.09 12.60 1.81
CA VAL A 111 10.42 12.71 3.10
C VAL A 111 10.58 11.48 4.02
N CYS A 112 11.06 10.34 3.52
CA CYS A 112 10.94 9.09 4.32
C CYS A 112 12.05 8.55 5.25
N GLU A 113 13.24 8.14 4.79
CA GLU A 113 13.58 7.66 3.45
C GLU A 113 14.08 6.21 3.63
N ASN A 114 14.49 5.57 2.54
CA ASN A 114 14.80 4.12 2.44
C ASN A 114 13.79 3.19 3.11
N ILE A 115 12.52 3.59 3.05
CA ILE A 115 11.43 2.68 3.34
C ILE A 115 11.26 1.81 2.10
N PRO A 116 10.87 0.54 2.31
CA PRO A 116 10.55 -0.31 1.16
C PRO A 116 9.34 0.20 0.39
N ILE A 117 9.45 0.16 -0.94
CA ILE A 117 8.42 0.68 -1.81
C ILE A 117 8.10 -0.37 -2.88
N VAL A 118 6.84 -0.67 -3.09
CA VAL A 118 6.41 -1.48 -4.21
C VAL A 118 5.69 -0.61 -5.23
N LEU A 119 6.02 -0.84 -6.50
CA LEU A 119 5.38 -0.20 -7.63
C LEU A 119 4.32 -1.13 -8.21
N CYS A 120 3.10 -0.63 -8.38
CA CYS A 120 2.01 -1.47 -8.90
C CYS A 120 1.39 -0.86 -10.14
N GLY A 121 1.30 -1.65 -11.19
CA GLY A 121 0.64 -1.22 -12.43
C GLY A 121 -0.75 -1.77 -12.41
N ASN A 122 -1.73 -0.89 -12.19
CA ASN A 122 -3.11 -1.30 -12.04
C ASN A 122 -3.87 -1.40 -13.37
N LYS A 123 -4.99 -2.12 -13.32
CA LYS A 123 -5.95 -2.24 -14.43
C LYS A 123 -5.45 -3.14 -15.54
N VAL A 124 -4.65 -4.14 -15.18
CA VAL A 124 -4.12 -5.04 -16.21
C VAL A 124 -5.25 -5.95 -16.75
N ASP A 125 -6.44 -5.84 -16.17
CA ASP A 125 -7.60 -6.53 -16.74
C ASP A 125 -8.01 -5.96 -18.10
N ILE A 126 -7.69 -4.69 -18.36
CA ILE A 126 -8.05 -4.06 -19.63
C ILE A 126 -7.07 -4.54 -20.72
N LYS A 127 -7.62 -5.19 -21.74
CA LYS A 127 -6.81 -5.77 -22.85
C LYS A 127 -6.01 -4.70 -23.63
N ASP A 128 -6.57 -3.50 -23.67
N ASP A 128 -6.58 -3.51 -23.78
CA ASP A 128 -6.01 -2.36 -24.37
CA ASP A 128 -5.89 -2.41 -24.48
C ASP A 128 -4.89 -1.69 -23.53
C ASP A 128 -4.90 -1.72 -23.55
N ARG A 129 -3.80 -2.43 -23.28
CA ARG A 129 -2.75 -1.99 -22.34
C ARG A 129 -1.69 -1.12 -23.03
N LYS A 130 -1.36 0.03 -22.43
CA LYS A 130 -0.44 0.99 -23.05
C LYS A 130 0.96 0.84 -22.50
N VAL A 131 1.06 0.59 -21.20
CA VAL A 131 2.37 0.49 -20.56
C VAL A 131 2.71 -0.98 -20.34
N LYS A 132 3.56 -1.54 -21.20
CA LYS A 132 3.89 -2.96 -21.10
C LYS A 132 5.20 -3.18 -20.35
N ALA A 133 5.42 -4.42 -19.91
CA ALA A 133 6.62 -4.82 -19.15
C ALA A 133 7.95 -4.26 -19.71
N LYS A 134 8.10 -4.27 -21.03
CA LYS A 134 9.29 -3.71 -21.70
C LYS A 134 9.73 -2.37 -21.07
N SER A 135 8.74 -1.53 -20.75
CA SER A 135 8.97 -0.19 -20.21
C SER A 135 9.24 -0.17 -18.71
N ILE A 136 8.71 -1.16 -17.98
CA ILE A 136 8.82 -1.17 -16.53
C ILE A 136 10.07 -1.89 -16.04
N ASN A 143 12.58 -0.19 -1.86
CA ASN A 143 13.24 -1.18 -2.70
C ASN A 143 12.26 -1.57 -3.83
N LEU A 144 12.53 -1.10 -5.05
CA LEU A 144 11.47 -0.90 -6.08
C LEU A 144 11.00 -2.15 -6.85
N GLN A 145 10.29 -3.02 -6.13
CA GLN A 145 9.69 -4.21 -6.67
C GLN A 145 8.48 -3.81 -7.51
N TYR A 146 8.32 -4.47 -8.66
CA TYR A 146 7.14 -4.27 -9.48
C TYR A 146 6.13 -5.46 -9.49
N TYR A 147 4.83 -5.17 -9.45
CA TYR A 147 3.76 -6.14 -9.76
C TYR A 147 2.70 -5.55 -10.65
N ASP A 148 2.23 -6.34 -11.63
CA ASP A 148 0.99 -6.08 -12.35
C ASP A 148 -0.13 -6.36 -11.37
N ILE A 149 -1.13 -5.49 -11.29
CA ILE A 149 -2.30 -5.84 -10.47
C ILE A 149 -3.58 -5.52 -11.18
N SER A 150 -4.69 -6.07 -10.71
CA SER A 150 -5.98 -5.63 -11.16
C SER A 150 -6.85 -5.56 -9.95
N ALA A 151 -7.07 -4.34 -9.46
CA ALA A 151 -7.81 -4.15 -8.22
C ALA A 151 -9.20 -4.77 -8.32
N LYS A 152 -9.88 -4.56 -9.44
CA LYS A 152 -11.25 -5.00 -9.60
C LYS A 152 -11.42 -6.49 -9.78
N SER A 153 -10.36 -7.23 -10.12
CA SER A 153 -10.43 -8.70 -10.09
C SER A 153 -9.68 -9.33 -8.91
N ASN A 154 -9.11 -8.51 -8.00
CA ASN A 154 -8.20 -9.00 -6.94
C ASN A 154 -6.94 -9.68 -7.47
N TYR A 155 -6.62 -9.50 -8.74
CA TYR A 155 -5.45 -10.15 -9.31
C TYR A 155 -4.18 -9.59 -8.68
N ASN A 156 -3.38 -10.47 -8.11
CA ASN A 156 -2.15 -10.08 -7.42
C ASN A 156 -2.31 -9.19 -6.20
N PHE A 157 -3.54 -9.10 -5.69
CA PHE A 157 -3.80 -8.30 -4.50
C PHE A 157 -2.81 -8.51 -3.35
N GLU A 158 -2.52 -9.78 -3.01
CA GLU A 158 -1.64 -10.13 -1.88
C GLU A 158 -0.17 -9.68 -2.06
N LYS A 159 0.29 -9.63 -3.31
CA LYS A 159 1.74 -9.56 -3.61
C LYS A 159 2.47 -8.36 -3.05
N PRO A 160 1.93 -7.14 -3.27
CA PRO A 160 2.63 -5.98 -2.70
C PRO A 160 2.80 -6.12 -1.20
N PHE A 161 1.75 -6.59 -0.53
CA PHE A 161 1.75 -6.71 0.91
C PHE A 161 2.66 -7.82 1.39
N LEU A 162 2.73 -8.91 0.63
CA LEU A 162 3.62 -10.01 0.99
C LEU A 162 5.06 -9.58 0.84
N TRP A 163 5.33 -8.86 -0.25
CA TRP A 163 6.70 -8.45 -0.53
C TRP A 163 7.16 -7.48 0.57
N LEU A 164 6.29 -6.51 0.89
CA LEU A 164 6.54 -5.55 1.98
C LEU A 164 6.68 -6.25 3.33
N ALA A 165 5.91 -7.29 3.57
CA ALA A 165 6.05 -8.02 4.84
C ALA A 165 7.41 -8.69 4.91
N ARG A 166 7.79 -9.39 3.83
CA ARG A 166 9.09 -10.07 3.76
C ARG A 166 10.24 -9.10 3.94
N LYS A 167 10.12 -7.90 3.32
CA LYS A 167 11.18 -6.88 3.44
C LYS A 167 11.18 -6.28 4.86
N LEU A 168 10.02 -5.98 5.43
CA LEU A 168 10.00 -5.37 6.78
C LEU A 168 10.45 -6.32 7.88
N ILE A 169 9.98 -7.56 7.82
CA ILE A 169 10.32 -8.57 8.81
C ILE A 169 11.72 -9.14 8.59
N GLY A 170 12.23 -9.14 7.36
CA GLY A 170 13.58 -9.69 7.08
C GLY A 170 13.56 -11.20 6.81
N ASP A 171 12.39 -11.71 6.46
CA ASP A 171 12.17 -13.14 6.23
C ASP A 171 11.74 -13.31 4.76
N PRO A 172 12.68 -13.72 3.88
CA PRO A 172 12.39 -13.90 2.46
C PRO A 172 11.38 -15.02 2.17
N ASN A 173 11.14 -15.90 3.13
CA ASN A 173 10.24 -17.05 2.95
C ASN A 173 8.91 -16.96 3.69
N LEU A 174 8.62 -15.78 4.22
CA LEU A 174 7.34 -15.50 4.81
C LEU A 174 6.24 -15.79 3.78
N GLU A 175 5.15 -16.38 4.25
CA GLU A 175 3.98 -16.70 3.43
C GLU A 175 2.71 -16.25 4.16
N PHE A 176 1.68 -15.85 3.41
CA PHE A 176 0.34 -15.72 3.97
C PHE A 176 -0.34 -17.07 3.97
N VAL A 177 -0.72 -17.53 5.16
CA VAL A 177 -1.33 -18.85 5.35
C VAL A 177 -2.85 -18.90 5.14
N ALA A 178 -3.47 -17.72 5.05
CA ALA A 178 -4.90 -17.59 4.88
C ALA A 178 -5.10 -16.23 4.28
N MET A 179 -6.03 -16.12 3.35
N MET A 179 -5.99 -16.11 3.30
CA MET A 179 -6.29 -14.85 2.70
CA MET A 179 -6.26 -14.81 2.66
C MET A 179 -7.37 -14.06 3.44
C MET A 179 -7.34 -14.05 3.44
N PRO A 180 -7.22 -12.72 3.51
CA PRO A 180 -8.31 -11.92 4.06
C PRO A 180 -9.57 -11.99 3.17
N ALA A 181 -10.74 -11.73 3.73
CA ALA A 181 -11.98 -11.63 2.94
C ALA A 181 -11.80 -10.49 1.94
N LEU A 182 -11.94 -10.77 0.65
CA LEU A 182 -11.77 -9.73 -0.39
C LEU A 182 -13.11 -9.48 -1.07
N ALA A 183 -13.31 -8.25 -1.51
CA ALA A 183 -14.53 -7.89 -2.27
C ALA A 183 -14.69 -8.86 -3.45
N PRO A 184 -15.90 -9.42 -3.65
CA PRO A 184 -16.08 -10.28 -4.85
C PRO A 184 -15.59 -9.55 -6.11
N PRO A 185 -14.86 -10.24 -7.01
CA PRO A 185 -14.35 -9.60 -8.24
C PRO A 185 -15.47 -8.96 -9.08
N GLU A 186 -15.20 -7.78 -9.61
CA GLU A 186 -16.20 -7.05 -10.38
C GLU A 186 -15.88 -7.14 -11.85
N VAL A 187 -14.79 -7.82 -12.15
CA VAL A 187 -14.22 -7.87 -13.48
C VAL A 187 -13.43 -9.18 -13.52
N VAL A 188 -13.33 -9.85 -14.66
CA VAL A 188 -12.46 -11.03 -14.73
C VAL A 188 -11.02 -10.72 -15.16
N MET A 189 -10.07 -11.47 -14.61
CA MET A 189 -8.70 -11.50 -15.12
C MET A 189 -8.47 -12.82 -15.85
N ASP A 190 -8.29 -12.75 -17.17
CA ASP A 190 -8.01 -13.92 -17.99
C ASP A 190 -6.66 -14.54 -17.55
N PRO A 191 -6.66 -15.80 -17.07
CA PRO A 191 -5.43 -16.41 -16.56
C PRO A 191 -4.37 -16.61 -17.65
N ALA A 192 -4.80 -16.84 -18.88
CA ALA A 192 -3.89 -16.89 -20.02
C ALA A 192 -3.24 -15.54 -20.35
N LEU A 193 -3.97 -14.43 -20.17
CA LEU A 193 -3.39 -13.11 -20.28
C LEU A 193 -2.38 -12.89 -19.13
N ALA A 194 -2.76 -13.30 -17.92
CA ALA A 194 -1.88 -13.17 -16.77
C ALA A 194 -0.57 -13.92 -17.00
N ALA A 195 -0.63 -15.08 -17.67
CA ALA A 195 0.56 -15.86 -17.97
C ALA A 195 1.41 -15.19 -19.07
N GLN A 196 0.75 -14.56 -20.04
N GLN A 196 0.73 -14.57 -20.05
CA GLN A 196 1.46 -13.82 -21.08
CA GLN A 196 1.37 -13.79 -21.10
C GLN A 196 2.19 -12.62 -20.46
C GLN A 196 2.16 -12.64 -20.46
N TYR A 197 1.51 -11.88 -19.59
CA TYR A 197 2.12 -10.76 -18.87
C TYR A 197 3.27 -11.15 -17.94
N GLU A 198 3.14 -12.30 -17.29
N GLU A 198 3.19 -12.29 -17.28
CA GLU A 198 4.18 -12.88 -16.44
CA GLU A 198 4.29 -12.75 -16.43
C GLU A 198 5.44 -13.15 -17.26
C GLU A 198 5.50 -13.15 -17.28
N HIS A 199 5.23 -13.66 -18.47
CA HIS A 199 6.29 -14.00 -19.40
C HIS A 199 6.98 -12.74 -19.96
N ASP A 200 6.20 -11.70 -20.24
CA ASP A 200 6.74 -10.42 -20.72
C ASP A 200 7.68 -9.81 -19.69
N LEU A 201 7.27 -9.84 -18.42
CA LEU A 201 8.10 -9.37 -17.32
C LEU A 201 9.38 -10.15 -17.19
N GLU A 202 9.27 -11.49 -17.22
CA GLU A 202 10.46 -12.34 -17.23
C GLU A 202 11.38 -12.07 -18.46
N VAL A 203 10.79 -11.65 -19.58
CA VAL A 203 11.57 -11.32 -20.81
C VAL A 203 11.96 -9.83 -20.88
N ALA A 204 11.58 -9.06 -19.87
CA ALA A 204 12.12 -7.71 -19.65
C ALA A 204 13.35 -7.86 -18.77
N GLN A 205 13.14 -8.26 -17.52
CA GLN A 205 14.23 -8.64 -16.60
C GLN A 205 15.14 -9.70 -17.23
N GLY B 11 8.61 -16.73 15.36
CA GLY B 11 7.37 -15.93 15.77
C GLY B 11 7.69 -14.50 16.21
N PHE B 12 7.59 -13.55 15.29
CA PHE B 12 7.76 -12.12 15.59
C PHE B 12 6.49 -11.57 16.27
N GLY B 13 6.49 -10.29 16.71
CA GLY B 13 7.65 -9.40 16.66
C GLY B 13 8.41 -9.42 17.98
N ASP B 14 9.73 -9.52 17.90
CA ASP B 14 10.53 -9.78 19.10
C ASP B 14 10.58 -8.62 20.13
N LYS B 15 11.13 -7.41 19.86
CA LYS B 15 11.95 -6.94 18.70
C LYS B 15 11.21 -6.57 17.41
N PHE B 16 9.99 -6.09 17.63
CA PHE B 16 9.31 -5.17 16.76
C PHE B 16 8.38 -4.36 17.63
N LYS B 17 8.40 -4.66 18.94
CA LYS B 17 7.55 -3.96 19.89
C LYS B 17 8.01 -2.53 20.05
N PRO B 18 7.08 -1.58 20.33
CA PRO B 18 7.51 -0.20 20.41
C PRO B 18 8.17 0.12 21.75
N ALA B 19 8.84 1.26 21.79
CA ALA B 19 9.42 1.79 23.01
C ALA B 19 8.33 1.76 24.08
N ILE B 20 8.75 1.63 25.32
CA ILE B 20 7.84 1.70 26.44
C ILE B 20 7.06 3.04 26.43
N GLY B 21 5.75 2.94 26.77
CA GLY B 21 4.90 4.11 26.85
C GLY B 21 4.48 4.71 25.53
N THR B 22 4.90 4.10 24.40
CA THR B 22 4.35 4.44 23.07
C THR B 22 2.84 4.26 23.07
N TRP B 23 2.14 5.25 22.53
CA TRP B 23 0.68 5.22 22.49
C TRP B 23 0.18 5.42 21.06
N ASP B 24 -0.86 4.70 20.67
CA ASP B 24 -1.40 4.78 19.32
C ASP B 24 -2.50 5.82 19.24
N CYS B 25 -2.38 6.72 18.28
CA CYS B 25 -3.44 7.72 18.01
C CYS B 25 -4.77 7.05 17.64
N ASP B 26 -5.84 7.42 18.33
CA ASP B 26 -7.17 6.86 18.03
C ASP B 26 -7.76 7.43 16.75
N THR B 27 -7.10 8.43 16.17
CA THR B 27 -7.60 9.00 14.94
C THR B 27 -6.95 8.36 13.71
N CYS B 28 -5.63 8.07 13.77
CA CYS B 28 -4.89 7.85 12.53
C CYS B 28 -3.95 6.65 12.17
N LEU B 29 -3.59 5.66 12.94
CA LEU B 29 -3.47 5.45 14.31
C LEU B 29 -1.93 5.35 14.32
N VAL B 30 -1.28 6.48 14.07
CA VAL B 30 0.15 6.57 14.19
C VAL B 30 0.57 6.30 15.64
N GLN B 31 1.77 5.74 15.79
CA GLN B 31 2.35 5.43 17.08
C GLN B 31 3.20 6.61 17.57
N ASN B 32 2.89 7.09 18.76
CA ASN B 32 3.46 8.32 19.23
C ASN B 32 4.35 8.11 20.43
N LYS B 33 5.39 8.93 20.54
CA LYS B 33 6.39 8.83 21.62
C LYS B 33 5.67 9.10 22.93
N PRO B 34 6.18 8.52 24.07
CA PRO B 34 5.44 8.75 25.32
C PRO B 34 5.29 10.23 25.70
N GLU B 35 6.27 11.05 25.32
CA GLU B 35 6.24 12.51 25.58
C GLU B 35 5.27 13.31 24.68
N ALA B 36 4.79 12.70 23.59
CA ALA B 36 3.89 13.40 22.65
C ALA B 36 2.54 13.74 23.33
N VAL B 37 2.13 14.99 23.24
CA VAL B 37 0.85 15.42 23.83
C VAL B 37 -0.21 15.37 22.72
N LYS B 38 0.26 15.65 21.46
CA LYS B 38 -0.57 15.59 20.27
C LYS B 38 -0.02 14.47 19.40
N CYS B 39 -0.87 13.92 18.53
CA CYS B 39 -0.38 13.01 17.52
C CYS B 39 0.52 13.75 16.53
N VAL B 40 1.69 13.17 16.28
CA VAL B 40 2.72 13.78 15.44
C VAL B 40 2.24 13.93 13.99
N ALA B 41 1.37 13.03 13.53
CA ALA B 41 0.89 13.13 12.17
C ALA B 41 -0.34 14.04 12.05
N CYS B 42 -1.38 13.77 12.85
CA CYS B 42 -2.70 14.40 12.64
C CYS B 42 -3.04 15.48 13.66
N GLU B 43 -2.15 15.67 14.64
CA GLU B 43 -2.30 16.70 15.67
C GLU B 43 -3.45 16.49 16.66
N THR B 44 -4.10 15.31 16.64
CA THR B 44 -5.12 14.99 17.64
C THR B 44 -4.48 14.81 19.01
N PRO B 45 -5.02 15.50 20.04
CA PRO B 45 -4.45 15.40 21.38
C PRO B 45 -4.63 14.01 21.97
N LYS B 46 -3.61 13.58 22.70
CA LYS B 46 -3.60 12.33 23.48
C LYS B 46 -4.78 12.30 24.47
N PRO B 47 -5.55 11.21 24.47
CA PRO B 47 -6.64 11.02 25.44
C PRO B 47 -6.11 10.69 26.84
#